data_6DVT
#
_entry.id   6DVT
#
loop_
_entity.id
_entity.type
_entity.pdbx_description
1 polymer "DNA (5'-D(*GP*GP*GP*GP*CP*GP*GP*GP*A)-3')"
2 polymer "DNA (5'-D(*TP*CP*CP*CP*GP*CP*CP*CP*C)-3')"
#
loop_
_entity_poly.entity_id
_entity_poly.type
_entity_poly.pdbx_seq_one_letter_code
_entity_poly.pdbx_strand_id
1 'polydeoxyribonucleotide' (DG)(DG)(DG)(DG)(DC)(DG)(DG)(DG)(DA) A
2 'polydeoxyribonucleotide' (DT)(DC)(DC)(DC)(DG)(DC)(DC)(DC)(DC) B
#
loop_
_chem_comp.id
_chem_comp.type
_chem_comp.name
_chem_comp.formula
DA DNA linking 2'-DEOXYADENOSINE-5'-MONOPHOSPHATE 'C10 H14 N5 O6 P'
DC DNA linking 2'-DEOXYCYTIDINE-5'-MONOPHOSPHATE 'C9 H14 N3 O7 P'
DG DNA linking 2'-DEOXYGUANOSINE-5'-MONOPHOSPHATE 'C10 H14 N5 O7 P'
DT DNA linking THYMIDINE-5'-MONOPHOSPHATE 'C10 H15 N2 O8 P'
#